data_3DQ0
#
_entry.id   3DQ0
#
_cell.length_a   252.700
_cell.length_b   50.400
_cell.length_c   51.000
_cell.angle_alpha   90.000
_cell.angle_beta   93.700
_cell.angle_gamma   90.000
#
_symmetry.space_group_name_H-M   'C 1 2 1'
#
loop_
_entity.id
_entity.type
_entity.pdbx_description
1 polymer 'Cytokinin dehydrogenase 1'
2 branched 2-acetamido-2-deoxy-beta-D-glucopyranose-(1-4)-2-acetamido-2-deoxy-beta-D-glucopyranose
3 non-polymer 2-acetamido-2-deoxy-beta-D-glucopyranose
4 non-polymer 'FLAVIN-ADENINE DINUCLEOTIDE'
5 non-polymer N-(3-methoxyphenyl)-9H-purin-6-amine
6 water water
#
_entity_poly.entity_id   1
_entity_poly.type   'polypeptide(L)'
_entity_poly.pdbx_seq_one_letter_code
;LAAGTPALGDDRGRPWPASLAALALDGKLRTDSNATAAASTDFGNITSALPAAVLYPSSTADLVALLSAANSTPGWPYTI
AFRGRGHSLMGQAFAPGGVVVNMASLGDAAAPPRINVSADGRYVDAGGEQVWIDVLRASLARGVAPRSWTDYLYLTVGGT
LSNAGISGQAFRHGPQISNVLEMDVITGHGEMVTCSKQLNADLFDAVLGGLGQFGVITRARIAVEPAPARARWVRLVYTD
FAAFSADQERLTAPRPGGGGASFGPMSYVEGSVFVNQSLATDLANTGFFTDADVARIVALAGERNATTVYSIEATLNYDN
ATAAAAAVDQELASVLGTLSYVEGFAFQRDVAYAAFLDRVHGEEVALNKLGLWRVPHPWLNMFVPRSRIADFDRGVFKGI
LQGTDIVGPLIVYPLNKSMWDDGMSAATPSEDVFYAVSLLFSSVAPNDLARLQEQNRRILRFCDLAGIQYKTYLARHTDR
SDWVRHFGAAKWNRFVEMKNKYDPKRLLSPGQDIFN
;
_entity_poly.pdbx_strand_id   A
#
# COMPACT_ATOMS: atom_id res chain seq x y z
N ARG A 14 37.70 -0.75 -13.93
CA ARG A 14 36.84 -1.87 -14.42
C ARG A 14 37.08 -3.24 -13.74
N PRO A 15 38.10 -3.35 -12.87
CA PRO A 15 38.31 -4.63 -12.15
C PRO A 15 37.20 -4.93 -11.15
N TRP A 16 36.86 -6.21 -11.03
CA TRP A 16 35.82 -6.70 -10.12
C TRP A 16 36.44 -7.20 -8.82
N PRO A 17 35.79 -6.94 -7.67
CA PRO A 17 36.18 -7.61 -6.43
C PRO A 17 35.86 -9.11 -6.53
N ALA A 18 36.57 -9.92 -5.75
CA ALA A 18 36.44 -11.38 -5.77
C ALA A 18 35.01 -11.86 -5.53
N SER A 19 34.36 -11.27 -4.51
CA SER A 19 33.01 -11.67 -4.12
C SER A 19 31.94 -11.28 -5.15
N LEU A 20 32.19 -10.19 -5.89
CA LEU A 20 31.29 -9.79 -6.97
C LEU A 20 31.43 -10.72 -8.16
N ALA A 21 32.67 -11.08 -8.48
CA ALA A 21 32.97 -11.98 -9.60
C ALA A 21 32.44 -13.40 -9.34
N ALA A 22 32.50 -13.82 -8.09
CA ALA A 22 31.96 -15.10 -7.64
C ALA A 22 30.46 -15.22 -7.91
N LEU A 23 29.74 -14.10 -7.85
CA LEU A 23 28.31 -14.08 -8.13
C LEU A 23 28.02 -14.39 -9.60
N ALA A 24 28.84 -13.84 -10.49
CA ALA A 24 28.70 -14.09 -11.93
C ALA A 24 29.06 -15.55 -12.24
N LEU A 25 30.09 -16.05 -11.57
CA LEU A 25 30.58 -17.42 -11.75
C LEU A 25 29.55 -18.43 -11.29
N ASP A 26 28.88 -18.15 -10.17
CA ASP A 26 27.84 -19.04 -9.63
C ASP A 26 26.48 -18.92 -10.32
N GLY A 27 26.42 -18.12 -11.39
CA GLY A 27 25.19 -17.96 -12.17
C GLY A 27 24.14 -17.07 -11.52
N LYS A 28 24.55 -16.25 -10.56
CA LYS A 28 23.64 -15.36 -9.81
C LYS A 28 23.47 -13.99 -10.44
N LEU A 29 24.53 -13.50 -11.10
CA LEU A 29 24.47 -12.28 -11.91
C LEU A 29 24.16 -12.65 -13.35
N ARG A 30 22.94 -12.36 -13.78
CA ARG A 30 22.49 -12.69 -15.13
C ARG A 30 22.32 -11.45 -16.00
N THR A 31 22.82 -11.53 -17.25
CA THR A 31 22.73 -10.43 -18.20
C THR A 31 21.91 -10.80 -19.44
N ASP A 32 21.40 -12.03 -19.48
CA ASP A 32 20.60 -12.51 -20.61
C ASP A 32 19.30 -11.73 -20.76
N SER A 33 18.74 -11.76 -21.98
CA SER A 33 17.54 -10.99 -22.31
C SER A 33 16.30 -11.42 -21.53
N ASN A 34 16.23 -12.70 -21.16
CA ASN A 34 15.11 -13.19 -20.38
C ASN A 34 15.07 -12.60 -18.96
N ALA A 35 16.22 -12.65 -18.28
CA ALA A 35 16.38 -12.07 -16.95
C ALA A 35 16.12 -10.56 -16.93
N THR A 36 16.75 -9.83 -17.85
CA THR A 36 16.64 -8.36 -17.89
C THR A 36 15.25 -7.86 -18.29
N ALA A 37 14.58 -8.58 -19.18
CA ALA A 37 13.23 -8.22 -19.65
C ALA A 37 12.18 -8.39 -18.55
N ALA A 38 12.33 -9.44 -17.74
CA ALA A 38 11.42 -9.70 -16.63
C ALA A 38 11.50 -8.62 -15.55
N ALA A 39 12.69 -8.05 -15.38
CA ALA A 39 12.92 -7.00 -14.39
C ALA A 39 12.73 -5.58 -14.97
N SER A 40 12.10 -5.48 -16.14
CA SER A 40 11.98 -4.23 -16.87
C SER A 40 10.56 -3.66 -16.93
N THR A 41 9.57 -4.42 -16.45
CA THR A 41 8.17 -3.97 -16.43
C THR A 41 7.60 -4.07 -15.01
N ASP A 42 6.52 -3.36 -14.73
CA ASP A 42 5.85 -3.46 -13.43
C ASP A 42 4.34 -3.50 -13.54
N PHE A 43 3.65 -3.51 -12.40
CA PHE A 43 2.19 -3.60 -12.38
C PHE A 43 1.50 -2.42 -13.06
N GLY A 44 2.12 -1.25 -12.98
CA GLY A 44 1.60 -0.05 -13.67
C GLY A 44 1.40 -0.32 -15.15
N ASN A 45 2.33 -1.05 -15.77
CA ASN A 45 2.27 -1.39 -17.19
C ASN A 45 2.21 -0.13 -18.06
N ILE A 46 2.86 0.93 -17.58
CA ILE A 46 2.84 2.23 -18.26
C ILE A 46 4.24 2.65 -18.67
N THR A 47 5.23 2.37 -17.82
CA THR A 47 6.62 2.68 -18.11
C THR A 47 7.49 1.43 -18.04
N SER A 48 8.61 1.42 -18.76
CA SER A 48 9.57 0.31 -18.69
C SER A 48 11.01 0.79 -18.83
N ALA A 49 11.93 0.01 -18.26
CA ALA A 49 13.36 0.30 -18.31
C ALA A 49 14.18 -0.98 -18.09
N LEU A 50 15.01 -1.31 -19.08
CA LEU A 50 15.88 -2.48 -19.00
C LEU A 50 17.10 -2.23 -18.13
N PRO A 51 17.39 -3.15 -17.19
CA PRO A 51 18.63 -3.08 -16.45
C PRO A 51 19.76 -3.73 -17.25
N ALA A 52 21.00 -3.52 -16.82
CA ALA A 52 22.15 -4.21 -17.42
C ALA A 52 22.21 -5.66 -16.92
N ALA A 53 21.86 -5.87 -15.66
CA ALA A 53 21.94 -7.18 -15.02
C ALA A 53 20.87 -7.37 -13.94
N VAL A 54 20.51 -8.63 -13.69
CA VAL A 54 19.64 -9.00 -12.58
C VAL A 54 20.42 -9.90 -11.63
N LEU A 55 20.43 -9.55 -10.35
CA LEU A 55 21.03 -10.40 -9.32
C LEU A 55 19.98 -11.27 -8.65
N TYR A 56 20.25 -12.57 -8.57
CA TYR A 56 19.42 -13.52 -7.84
C TYR A 56 20.19 -14.00 -6.61
N PRO A 57 20.04 -13.30 -5.47
CA PRO A 57 20.79 -13.68 -4.26
C PRO A 57 20.22 -14.94 -3.62
N SER A 58 21.09 -15.83 -3.13
CA SER A 58 20.65 -16.99 -2.38
C SER A 58 20.76 -16.72 -0.87
N SER A 59 21.46 -15.64 -0.53
CA SER A 59 21.61 -15.21 0.86
C SER A 59 21.83 -13.71 0.93
N THR A 60 21.79 -13.16 2.15
CA THR A 60 22.04 -11.73 2.37
C THR A 60 23.51 -11.37 2.14
N ALA A 61 24.38 -12.37 2.21
CA ALA A 61 25.81 -12.19 1.88
C ALA A 61 26.02 -11.71 0.45
N ASP A 62 25.22 -12.23 -0.48
CA ASP A 62 25.27 -11.80 -1.90
C ASP A 62 24.92 -10.32 -2.04
N LEU A 63 24.02 -9.84 -1.19
CA LEU A 63 23.62 -8.44 -1.16
C LEU A 63 24.74 -7.57 -0.59
N VAL A 64 25.35 -8.04 0.50
CA VAL A 64 26.55 -7.43 1.03
C VAL A 64 27.62 -7.33 -0.06
N ALA A 65 27.86 -8.44 -0.77
CA ALA A 65 28.84 -8.51 -1.86
C ALA A 65 28.65 -7.41 -2.91
N LEU A 66 27.42 -7.31 -3.44
CA LEU A 66 27.08 -6.33 -4.46
C LEU A 66 27.25 -4.89 -3.96
N LEU A 67 26.71 -4.60 -2.79
CA LEU A 67 26.70 -3.24 -2.25
C LEU A 67 28.04 -2.79 -1.70
N SER A 68 28.86 -3.74 -1.23
CA SER A 68 30.25 -3.44 -0.86
C SER A 68 31.07 -3.10 -2.09
N ALA A 69 30.91 -3.90 -3.14
CA ALA A 69 31.55 -3.67 -4.43
C ALA A 69 31.17 -2.28 -4.95
N ALA A 70 29.87 -2.01 -4.98
CA ALA A 70 29.35 -0.72 -5.41
C ALA A 70 30.01 0.44 -4.67
N ASN A 71 30.12 0.30 -3.34
CA ASN A 71 30.67 1.35 -2.49
C ASN A 71 32.19 1.52 -2.59
N SER A 72 32.91 0.42 -2.80
CA SER A 72 34.37 0.45 -2.84
C SER A 72 34.94 0.71 -4.24
N THR A 73 34.20 0.34 -5.28
CA THR A 73 34.62 0.54 -6.67
C THR A 73 34.42 2.01 -7.08
N PRO A 74 35.54 2.73 -7.33
CA PRO A 74 35.47 4.14 -7.72
C PRO A 74 34.95 4.30 -9.15
N GLY A 75 33.98 5.20 -9.32
CA GLY A 75 33.34 5.39 -10.62
C GLY A 75 32.26 4.38 -10.96
N TRP A 76 31.85 3.57 -9.97
CA TRP A 76 30.79 2.57 -10.13
C TRP A 76 29.54 3.17 -10.76
N PRO A 77 29.17 2.71 -11.97
CA PRO A 77 28.10 3.31 -12.76
C PRO A 77 26.70 2.69 -12.59
N TYR A 78 26.58 1.60 -11.84
CA TYR A 78 25.34 0.83 -11.81
C TYR A 78 24.40 1.17 -10.65
N THR A 79 23.21 1.67 -10.97
CA THR A 79 22.17 1.89 -9.96
C THR A 79 21.56 0.54 -9.59
N ILE A 80 21.05 0.46 -8.35
CA ILE A 80 20.54 -0.79 -7.81
C ILE A 80 19.12 -0.62 -7.27
N ALA A 81 18.21 -1.47 -7.74
CA ALA A 81 16.83 -1.51 -7.26
C ALA A 81 16.53 -2.84 -6.59
N PHE A 82 15.57 -2.83 -5.67
CA PHE A 82 15.20 -4.06 -4.99
C PHE A 82 13.77 -4.45 -5.36
N ARG A 83 13.63 -5.32 -6.35
CA ARG A 83 12.31 -5.74 -6.81
C ARG A 83 11.67 -6.70 -5.83
N GLY A 84 10.51 -6.30 -5.30
CA GLY A 84 9.71 -7.17 -4.45
C GLY A 84 8.86 -8.07 -5.31
N ARG A 85 7.68 -7.59 -5.69
CA ARG A 85 6.85 -8.29 -6.68
C ARG A 85 6.53 -7.36 -7.84
N GLY A 86 7.18 -6.20 -7.85
CA GLY A 86 7.02 -5.20 -8.92
C GLY A 86 5.61 -4.63 -9.01
N HIS A 87 4.95 -4.44 -7.87
CA HIS A 87 3.61 -3.84 -7.86
C HIS A 87 3.60 -2.30 -7.97
N SER A 88 4.79 -1.72 -8.08
CA SER A 88 4.97 -0.31 -8.43
C SER A 88 4.14 0.09 -9.65
N LEU A 89 3.75 1.36 -9.69
CA LEU A 89 2.87 1.88 -10.73
C LEU A 89 3.60 2.62 -11.84
N MET A 90 4.73 3.23 -11.49
CA MET A 90 5.48 4.10 -12.41
C MET A 90 7.00 3.91 -12.35
N GLY A 91 7.43 2.64 -12.36
CA GLY A 91 8.86 2.31 -12.50
C GLY A 91 9.73 2.42 -11.25
N GLN A 92 9.11 2.57 -10.08
CA GLN A 92 9.86 2.76 -8.83
C GLN A 92 10.82 1.60 -8.50
N ALA A 93 10.58 0.42 -9.08
CA ALA A 93 11.43 -0.75 -8.87
C ALA A 93 12.40 -1.10 -10.01
N PHE A 94 12.63 -0.15 -10.92
CA PHE A 94 13.55 -0.36 -12.04
C PHE A 94 14.95 0.15 -11.70
N ALA A 95 15.95 -0.40 -12.40
CA ALA A 95 17.28 0.16 -12.40
C ALA A 95 17.73 0.29 -13.85
N PRO A 96 17.36 1.41 -14.52
CA PRO A 96 17.73 1.65 -15.92
C PRO A 96 19.25 1.54 -16.11
N GLY A 97 19.67 0.59 -16.95
CA GLY A 97 21.09 0.32 -17.20
C GLY A 97 21.89 -0.09 -15.96
N GLY A 98 21.20 -0.60 -14.95
CA GLY A 98 21.83 -0.95 -13.68
C GLY A 98 21.60 -2.39 -13.29
N VAL A 99 21.58 -2.65 -11.98
CA VAL A 99 21.32 -3.99 -11.47
C VAL A 99 20.00 -4.01 -10.69
N VAL A 100 19.10 -4.90 -11.10
CA VAL A 100 17.88 -5.16 -10.33
C VAL A 100 18.09 -6.41 -9.46
N VAL A 101 17.84 -6.26 -8.16
CA VAL A 101 17.89 -7.41 -7.26
C VAL A 101 16.54 -8.14 -7.26
N ASN A 102 16.56 -9.41 -7.69
CA ASN A 102 15.38 -10.28 -7.64
C ASN A 102 15.22 -10.79 -6.21
N MET A 103 14.58 -9.97 -5.37
CA MET A 103 14.49 -10.24 -3.93
C MET A 103 13.91 -11.61 -3.60
N ALA A 104 12.95 -12.06 -4.41
CA ALA A 104 12.26 -13.32 -4.22
C ALA A 104 13.21 -14.53 -4.14
N SER A 105 14.39 -14.39 -4.74
CA SER A 105 15.42 -15.44 -4.71
C SER A 105 15.95 -15.75 -3.31
N LEU A 106 15.76 -14.81 -2.38
CA LEU A 106 16.16 -15.03 -0.99
C LEU A 106 15.36 -16.13 -0.29
N GLY A 107 14.13 -16.38 -0.76
CA GLY A 107 13.29 -17.41 -0.18
C GLY A 107 13.19 -18.67 -1.03
N ASP A 108 14.22 -18.93 -1.83
CA ASP A 108 14.20 -20.05 -2.77
C ASP A 108 14.34 -21.44 -2.15
N ALA A 109 15.07 -21.52 -1.04
CA ALA A 109 15.49 -22.82 -0.48
C ALA A 109 14.43 -23.47 0.40
N ALA A 110 14.86 -23.96 1.56
CA ALA A 110 13.98 -24.50 2.60
C ALA A 110 14.62 -24.21 3.95
N ALA A 111 15.95 -24.27 3.99
CA ALA A 111 16.71 -23.97 5.18
C ALA A 111 17.56 -22.72 4.99
N PRO A 112 17.45 -21.74 5.91
CA PRO A 112 16.46 -21.75 6.99
C PRO A 112 15.16 -21.05 6.58
N PRO A 113 14.06 -21.25 7.35
CA PRO A 113 12.81 -20.54 7.06
C PRO A 113 12.97 -19.03 7.04
N ARG A 114 12.18 -18.36 6.18
CA ARG A 114 12.26 -16.92 6.04
C ARG A 114 11.18 -16.16 6.83
N ILE A 115 10.28 -16.92 7.47
CA ILE A 115 9.27 -16.37 8.37
C ILE A 115 9.30 -17.12 9.71
N ASN A 116 9.59 -16.41 10.80
CA ASN A 116 9.61 -17.01 12.15
C ASN A 116 8.72 -16.24 13.13
N VAL A 117 7.63 -16.86 13.55
CA VAL A 117 6.80 -16.34 14.65
C VAL A 117 7.58 -16.50 15.96
N SER A 118 7.59 -15.44 16.78
CA SER A 118 8.32 -15.45 18.05
C SER A 118 7.77 -16.51 19.00
N ALA A 119 8.65 -17.01 19.87
CA ALA A 119 8.28 -17.97 20.90
C ALA A 119 7.13 -17.46 21.78
N ASP A 120 7.18 -16.17 22.14
CA ASP A 120 6.15 -15.55 22.99
C ASP A 120 4.87 -15.14 22.25
N GLY A 121 4.88 -15.26 20.91
CA GLY A 121 3.70 -14.96 20.09
C GLY A 121 3.34 -13.50 19.95
N ARG A 122 4.30 -12.62 20.22
CA ARG A 122 4.10 -11.17 20.24
C ARG A 122 4.55 -10.48 18.96
N TYR A 123 5.29 -11.21 18.12
CA TYR A 123 5.72 -10.68 16.82
C TYR A 123 6.02 -11.79 15.82
N VAL A 124 6.20 -11.40 14.56
CA VAL A 124 6.65 -12.32 13.52
C VAL A 124 7.86 -11.71 12.79
N ASP A 125 8.90 -12.52 12.62
CA ASP A 125 10.06 -12.14 11.83
C ASP A 125 9.86 -12.59 10.40
N ALA A 126 10.08 -11.67 9.45
CA ALA A 126 9.85 -11.97 8.04
C ALA A 126 10.93 -11.38 7.16
N GLY A 127 11.45 -12.20 6.23
CA GLY A 127 12.37 -11.71 5.21
C GLY A 127 11.75 -10.55 4.43
N GLY A 128 12.59 -9.57 4.08
CA GLY A 128 12.13 -8.41 3.28
C GLY A 128 11.42 -8.81 2.01
N GLU A 129 11.88 -9.92 1.42
CA GLU A 129 11.37 -10.43 0.15
C GLU A 129 10.01 -11.12 0.24
N GLN A 130 9.64 -11.55 1.45
CA GLN A 130 8.43 -12.35 1.66
C GLN A 130 7.15 -11.57 1.37
N VAL A 131 6.16 -12.27 0.82
CA VAL A 131 4.84 -11.65 0.56
C VAL A 131 3.93 -11.81 1.77
N TRP A 132 3.06 -10.81 1.98
CA TRP A 132 2.20 -10.76 3.17
C TRP A 132 1.26 -11.94 3.33
N ILE A 133 0.79 -12.51 2.22
CA ILE A 133 -0.02 -13.73 2.25
C ILE A 133 0.69 -14.90 2.96
N ASP A 134 1.98 -15.05 2.71
CA ASP A 134 2.78 -16.10 3.36
C ASP A 134 3.05 -15.76 4.82
N VAL A 135 3.26 -14.48 5.09
CA VAL A 135 3.35 -13.96 6.47
C VAL A 135 2.06 -14.28 7.23
N LEU A 136 0.90 -14.08 6.58
CA LEU A 136 -0.40 -14.41 7.17
C LEU A 136 -0.56 -15.91 7.43
N ARG A 137 -0.21 -16.72 6.44
CA ARG A 137 -0.34 -18.17 6.57
C ARG A 137 0.52 -18.73 7.69
N ALA A 138 1.76 -18.26 7.79
CA ALA A 138 2.69 -18.70 8.85
C ALA A 138 2.31 -18.17 10.23
N SER A 139 1.60 -17.05 10.25
CA SER A 139 1.13 -16.46 11.51
C SER A 139 -0.06 -17.21 12.07
N LEU A 140 -1.06 -17.47 11.21
CA LEU A 140 -2.27 -18.19 11.59
C LEU A 140 -1.96 -19.61 12.05
N ALA A 141 -0.90 -20.20 11.49
CA ALA A 141 -0.41 -21.51 11.93
C ALA A 141 0.04 -21.48 13.40
N ARG A 142 0.37 -20.29 13.90
CA ARG A 142 0.73 -20.07 15.31
C ARG A 142 -0.33 -19.28 16.10
N GLY A 143 -1.51 -19.12 15.50
CA GLY A 143 -2.67 -18.52 16.17
C GLY A 143 -2.63 -17.01 16.33
N VAL A 144 -1.78 -16.36 15.55
CA VAL A 144 -1.59 -14.90 15.58
C VAL A 144 -1.68 -14.31 14.16
N ALA A 145 -1.71 -12.98 14.06
CA ALA A 145 -1.75 -12.30 12.77
C ALA A 145 -1.35 -10.85 12.94
N PRO A 146 -0.64 -10.27 11.96
CA PRO A 146 -0.43 -8.82 11.96
C PRO A 146 -1.75 -8.04 12.13
N ARG A 147 -1.64 -6.83 12.63
CA ARG A 147 -2.80 -6.01 13.02
C ARG A 147 -3.19 -5.02 11.94
N SER A 148 -2.26 -4.75 11.03
CA SER A 148 -2.40 -3.68 10.06
C SER A 148 -1.99 -4.22 8.70
N TRP A 149 -2.90 -4.06 7.74
CA TRP A 149 -2.79 -4.72 6.46
C TRP A 149 -2.75 -3.76 5.27
N THR A 150 -2.61 -4.36 4.09
CA THR A 150 -2.95 -3.73 2.81
C THR A 150 -4.19 -4.46 2.32
N ASP A 151 -4.91 -3.87 1.36
CA ASP A 151 -6.09 -4.51 0.77
C ASP A 151 -5.72 -5.79 0.03
N TYR A 152 -4.50 -5.83 -0.47
CA TYR A 152 -4.00 -6.88 -1.37
C TYR A 152 -2.76 -7.54 -0.76
N LEU A 153 -2.82 -8.86 -0.59
CA LEU A 153 -1.79 -9.55 0.19
C LEU A 153 -0.55 -10.04 -0.57
N TYR A 154 -0.57 -9.98 -1.90
CA TYR A 154 0.58 -10.45 -2.69
CA TYR A 154 0.59 -10.45 -2.69
C TYR A 154 1.56 -9.30 -2.98
N LEU A 155 2.06 -8.70 -1.90
CA LEU A 155 3.02 -7.60 -1.94
C LEU A 155 4.10 -7.99 -0.94
N THR A 156 5.31 -7.47 -1.08
CA THR A 156 6.36 -7.87 -0.14
C THR A 156 6.36 -7.01 1.12
N VAL A 157 6.86 -7.60 2.19
CA VAL A 157 7.10 -6.90 3.45
C VAL A 157 7.93 -5.65 3.21
N GLY A 158 9.09 -5.79 2.56
CA GLY A 158 9.99 -4.65 2.32
C GLY A 158 9.41 -3.59 1.40
N GLY A 159 8.58 -4.01 0.46
CA GLY A 159 7.91 -3.09 -0.47
C GLY A 159 6.88 -2.21 0.22
N THR A 160 5.96 -2.80 0.96
CA THR A 160 4.91 -1.99 1.63
C THR A 160 5.49 -1.10 2.73
N LEU A 161 6.56 -1.56 3.35
CA LEU A 161 7.22 -0.80 4.42
C LEU A 161 8.01 0.38 3.89
N SER A 162 8.42 0.29 2.61
CA SER A 162 9.09 1.39 1.92
C SER A 162 8.11 2.49 1.52
N ASN A 163 6.82 2.21 1.66
CA ASN A 163 5.77 3.16 1.31
C ASN A 163 4.94 3.59 2.52
N ALA A 164 4.12 2.69 3.04
CA ALA A 164 3.45 2.84 4.34
C ALA A 164 2.70 1.57 4.69
N GLY A 165 1.86 1.11 3.76
CA GLY A 165 0.99 -0.02 3.99
C GLY A 165 -0.29 0.38 4.70
N ILE A 166 -1.35 0.66 3.94
CA ILE A 166 -2.64 1.04 4.52
C ILE A 166 -3.86 0.20 4.09
N SER A 167 -4.78 0.01 5.04
CA SER A 167 -6.06 -0.64 4.81
C SER A 167 -7.03 -0.13 5.89
N GLY A 168 -8.15 -0.83 6.05
CA GLY A 168 -9.23 -0.40 6.95
C GLY A 168 -8.87 -0.44 8.44
N GLN A 169 -7.71 -0.99 8.77
CA GLN A 169 -7.26 -1.10 10.18
C GLN A 169 -6.40 0.08 10.62
N ALA A 170 -5.89 0.83 9.64
CA ALA A 170 -4.93 1.88 9.91
C ALA A 170 -5.45 3.01 10.80
N PHE A 171 -6.76 3.26 10.79
CA PHE A 171 -7.32 4.33 11.65
C PHE A 171 -7.03 4.05 13.14
N ARG A 172 -7.05 2.77 13.52
CA ARG A 172 -6.83 2.40 14.93
C ARG A 172 -5.43 1.85 15.24
N HIS A 173 -4.80 1.17 14.29
CA HIS A 173 -3.46 0.60 14.52
C HIS A 173 -2.33 1.36 13.81
N GLY A 174 -2.69 2.35 12.99
CA GLY A 174 -1.73 3.02 12.14
C GLY A 174 -1.36 2.16 10.94
N PRO A 175 -0.62 2.73 9.99
CA PRO A 175 -0.15 1.99 8.82
C PRO A 175 0.84 0.89 9.23
N GLN A 176 1.19 0.03 8.28
CA GLN A 176 2.16 -1.05 8.54
C GLN A 176 3.49 -0.53 9.08
N ILE A 177 3.94 0.64 8.60
CA ILE A 177 5.14 1.28 9.14
C ILE A 177 5.06 1.65 10.65
N SER A 178 3.84 1.72 11.20
CA SER A 178 3.65 1.96 12.64
C SER A 178 3.61 0.67 13.45
N ASN A 179 3.82 -0.46 12.78
CA ASN A 179 3.72 -1.78 13.42
C ASN A 179 4.97 -2.63 13.21
N VAL A 180 6.13 -1.98 13.19
CA VAL A 180 7.43 -2.65 13.06
C VAL A 180 8.24 -2.40 14.33
N LEU A 181 8.73 -3.49 14.91
CA LEU A 181 9.54 -3.43 16.13
C LEU A 181 11.02 -3.20 15.79
N GLU A 182 11.53 -3.96 14.82
CA GLU A 182 12.91 -3.77 14.33
C GLU A 182 13.11 -4.30 12.91
N MET A 183 14.22 -3.90 12.29
CA MET A 183 14.61 -4.38 10.96
C MET A 183 16.10 -4.69 10.83
N ASP A 184 16.42 -5.66 9.97
CA ASP A 184 17.77 -5.80 9.45
C ASP A 184 17.83 -5.09 8.10
N VAL A 185 18.82 -4.21 7.94
CA VAL A 185 18.97 -3.41 6.73
C VAL A 185 20.42 -3.40 6.25
N ILE A 186 20.62 -3.58 4.94
CA ILE A 186 21.93 -3.37 4.32
C ILE A 186 21.93 -2.03 3.61
N THR A 187 22.82 -1.14 4.05
CA THR A 187 22.88 0.23 3.54
C THR A 187 23.65 0.30 2.21
N GLY A 188 23.61 1.46 1.56
CA GLY A 188 24.36 1.71 0.32
C GLY A 188 25.87 1.55 0.48
N HIS A 189 26.32 1.44 1.74
CA HIS A 189 27.73 1.20 2.05
C HIS A 189 28.08 -0.29 2.02
N GLY A 190 27.05 -1.14 2.06
CA GLY A 190 27.23 -2.58 2.12
C GLY A 190 27.31 -3.11 3.54
N GLU A 191 26.90 -2.27 4.49
CA GLU A 191 26.93 -2.61 5.91
C GLU A 191 25.60 -3.16 6.42
N MET A 192 25.64 -4.37 6.97
CA MET A 192 24.50 -5.02 7.62
C MET A 192 24.26 -4.33 8.97
N VAL A 193 23.05 -3.78 9.15
CA VAL A 193 22.71 -3.03 10.36
C VAL A 193 21.33 -3.46 10.86
N THR A 194 21.24 -3.81 12.14
CA THR A 194 19.95 -4.02 12.80
C THR A 194 19.50 -2.69 13.41
N CYS A 195 18.22 -2.35 13.24
CA CYS A 195 17.74 -1.04 13.70
C CYS A 195 16.35 -1.09 14.32
N SER A 196 16.08 -0.15 15.22
CA SER A 196 14.80 -0.03 15.94
C SER A 196 14.69 1.40 16.48
N LYS A 197 13.68 1.66 17.30
CA LYS A 197 13.57 2.94 17.99
C LYS A 197 14.71 3.15 19.01
N GLN A 198 15.27 2.04 19.51
CA GLN A 198 16.33 2.08 20.52
C GLN A 198 17.75 1.89 19.95
N LEU A 199 17.84 1.27 18.78
CA LEU A 199 19.14 1.03 18.14
C LEU A 199 19.14 1.52 16.69
N ASN A 200 20.08 2.41 16.37
CA ASN A 200 20.21 2.97 15.03
C ASN A 200 18.85 3.47 14.55
N ALA A 201 18.23 4.31 15.38
CA ALA A 201 16.87 4.80 15.17
C ALA A 201 16.72 5.71 13.94
N ASP A 202 17.79 6.42 13.62
N ASP A 202 17.78 6.44 13.62
CA ASP A 202 17.84 7.31 12.46
CA ASP A 202 17.78 7.31 12.44
C ASP A 202 17.66 6.55 11.14
C ASP A 202 17.59 6.51 11.15
N LEU A 203 18.23 5.35 11.07
CA LEU A 203 18.07 4.46 9.91
C LEU A 203 16.68 3.82 9.89
N PHE A 204 16.23 3.37 11.06
CA PHE A 204 14.89 2.80 11.26
C PHE A 204 13.81 3.75 10.73
N ASP A 205 13.85 5.00 11.19
CA ASP A 205 12.86 6.02 10.78
C ASP A 205 12.97 6.39 9.30
N ALA A 206 14.19 6.52 8.80
CA ALA A 206 14.47 6.82 7.39
C ALA A 206 13.91 5.78 6.42
N VAL A 207 14.16 4.50 6.70
CA VAL A 207 13.76 3.40 5.82
C VAL A 207 12.23 3.21 5.77
N LEU A 208 11.57 3.40 6.91
CA LEU A 208 10.12 3.28 6.97
C LEU A 208 9.43 4.43 6.23
N GLY A 209 8.79 4.07 5.12
CA GLY A 209 8.19 5.06 4.20
C GLY A 209 9.28 5.68 3.35
N GLY A 210 10.46 5.08 3.38
CA GLY A 210 11.67 5.65 2.78
C GLY A 210 11.90 5.39 1.31
N LEU A 211 10.96 4.69 0.66
CA LEU A 211 10.97 4.54 -0.80
C LEU A 211 12.28 3.91 -1.35
N GLY A 212 12.83 2.97 -0.60
CA GLY A 212 14.05 2.21 -0.99
C GLY A 212 15.32 3.02 -1.19
N GLN A 213 15.39 4.20 -0.57
CA GLN A 213 16.48 5.15 -0.81
C GLN A 213 17.74 4.94 0.05
N PHE A 214 17.62 4.17 1.12
CA PHE A 214 18.66 4.14 2.16
C PHE A 214 19.29 2.75 2.34
N GLY A 215 18.70 1.75 1.70
CA GLY A 215 19.17 0.40 1.84
C GLY A 215 18.05 -0.61 1.72
N VAL A 216 18.43 -1.89 1.73
CA VAL A 216 17.49 -2.97 1.55
C VAL A 216 17.11 -3.61 2.88
N ILE A 217 15.81 -3.66 3.15
CA ILE A 217 15.25 -4.41 4.27
C ILE A 217 15.35 -5.91 3.99
N THR A 218 16.16 -6.61 4.79
CA THR A 218 16.31 -8.07 4.65
C THR A 218 15.46 -8.82 5.66
N ARG A 219 15.08 -8.15 6.75
CA ARG A 219 14.20 -8.73 7.78
C ARG A 219 13.37 -7.63 8.42
N ALA A 220 12.09 -7.90 8.68
CA ALA A 220 11.25 -7.00 9.48
C ALA A 220 10.55 -7.74 10.61
N ARG A 221 10.62 -7.17 11.80
CA ARG A 221 9.93 -7.70 12.99
C ARG A 221 8.56 -7.04 13.09
N ILE A 222 7.51 -7.81 12.88
CA ILE A 222 6.15 -7.26 12.72
C ILE A 222 5.27 -7.63 13.91
N ALA A 223 4.68 -6.61 14.54
CA ALA A 223 3.72 -6.80 15.64
C ALA A 223 2.55 -7.66 15.21
N VAL A 224 2.15 -8.58 16.09
CA VAL A 224 0.97 -9.39 15.84
C VAL A 224 -0.02 -9.28 17.01
N GLU A 225 -1.26 -9.66 16.75
CA GLU A 225 -2.28 -9.81 17.79
C GLU A 225 -2.78 -11.25 17.75
N PRO A 226 -3.45 -11.71 18.81
CA PRO A 226 -4.13 -13.00 18.67
C PRO A 226 -5.06 -12.99 17.46
N ALA A 227 -5.02 -14.06 16.67
CA ALA A 227 -5.78 -14.12 15.42
C ALA A 227 -7.27 -14.37 15.65
N PRO A 228 -8.14 -13.44 15.17
CA PRO A 228 -9.57 -13.73 15.21
C PRO A 228 -9.93 -14.83 14.20
N ALA A 229 -11.01 -15.55 14.48
CA ALA A 229 -11.44 -16.62 13.60
C ALA A 229 -12.26 -16.11 12.43
N ARG A 230 -13.11 -15.12 12.69
CA ARG A 230 -14.11 -14.66 11.74
C ARG A 230 -14.26 -13.14 11.69
N ALA A 231 -14.78 -12.65 10.57
CA ALA A 231 -15.10 -11.24 10.41
C ALA A 231 -16.56 -11.05 10.02
N ARG A 232 -17.30 -10.31 10.87
CA ARG A 232 -18.64 -9.86 10.51
C ARG A 232 -18.50 -8.66 9.59
N TRP A 233 -19.03 -8.77 8.39
CA TRP A 233 -18.67 -7.89 7.29
C TRP A 233 -19.90 -7.14 6.77
N VAL A 234 -19.90 -5.82 6.94
CA VAL A 234 -21.08 -5.01 6.62
C VAL A 234 -20.79 -3.89 5.61
N ARG A 235 -21.80 -3.59 4.79
CA ARG A 235 -21.81 -2.37 3.98
C ARG A 235 -23.09 -1.57 4.24
N LEU A 236 -22.92 -0.26 4.38
CA LEU A 236 -24.00 0.66 4.71
C LEU A 236 -24.12 1.63 3.53
N VAL A 237 -25.34 1.92 3.08
CA VAL A 237 -25.55 2.76 1.89
C VAL A 237 -26.10 4.17 2.19
N TYR A 238 -25.51 5.16 1.50
CA TYR A 238 -25.86 6.57 1.66
C TYR A 238 -26.03 7.22 0.30
N THR A 239 -26.93 8.19 0.23
CA THR A 239 -26.98 9.10 -0.93
C THR A 239 -26.44 10.48 -0.59
N ASP A 240 -26.26 10.76 0.70
CA ASP A 240 -25.77 12.07 1.22
C ASP A 240 -24.32 11.93 1.66
N PHE A 241 -23.41 12.59 0.97
CA PHE A 241 -21.99 12.54 1.31
C PHE A 241 -21.73 13.05 2.72
N ALA A 242 -22.39 14.14 3.09
CA ALA A 242 -22.27 14.68 4.44
C ALA A 242 -22.53 13.61 5.49
N ALA A 243 -23.60 12.83 5.32
CA ALA A 243 -23.94 11.74 6.24
C ALA A 243 -22.93 10.58 6.21
N PHE A 244 -22.51 10.20 5.01
CA PHE A 244 -21.51 9.16 4.80
C PHE A 244 -20.18 9.48 5.52
N SER A 245 -19.64 10.67 5.28
CA SER A 245 -18.37 11.09 5.88
C SER A 245 -18.44 11.32 7.40
N ALA A 246 -19.56 11.91 7.84
CA ALA A 246 -19.82 12.06 9.28
C ALA A 246 -19.83 10.71 9.99
N ASP A 247 -20.43 9.70 9.36
CA ASP A 247 -20.48 8.36 9.93
C ASP A 247 -19.14 7.62 9.91
N GLN A 248 -18.37 7.78 8.83
CA GLN A 248 -17.01 7.21 8.78
C GLN A 248 -16.13 7.81 9.86
N GLU A 249 -16.31 9.10 10.11
CA GLU A 249 -15.58 9.79 11.16
C GLU A 249 -16.01 9.37 12.57
N ARG A 250 -17.32 9.18 12.78
CA ARG A 250 -17.85 8.63 14.03
C ARG A 250 -17.29 7.25 14.34
N LEU A 251 -17.22 6.39 13.32
CA LEU A 251 -16.76 5.01 13.48
C LEU A 251 -15.27 4.91 13.79
N THR A 252 -14.50 5.90 13.34
CA THR A 252 -13.03 5.86 13.44
C THR A 252 -12.47 6.85 14.48
N ALA A 253 -13.35 7.62 15.11
CA ALA A 253 -12.94 8.64 16.07
C ALA A 253 -12.44 8.00 17.37
N PRO A 254 -11.40 8.60 17.99
CA PRO A 254 -10.97 8.14 19.30
C PRO A 254 -12.02 8.48 20.35
N ARG A 255 -12.24 7.58 21.31
CA ARG A 255 -13.26 7.81 22.34
C ARG A 255 -12.72 8.73 23.43
N ALA A 261 -6.86 7.41 22.49
CA ALA A 261 -6.21 6.11 22.66
C ALA A 261 -7.18 4.94 22.47
N SER A 262 -8.43 5.12 22.91
CA SER A 262 -9.47 4.11 22.77
C SER A 262 -10.29 4.34 21.50
N PHE A 263 -10.73 3.25 20.87
CA PHE A 263 -11.58 3.33 19.68
C PHE A 263 -12.88 2.55 19.85
N GLY A 264 -13.83 2.76 18.93
CA GLY A 264 -15.08 2.00 18.90
C GLY A 264 -14.84 0.54 18.55
N PRO A 265 -15.92 -0.24 18.37
CA PRO A 265 -15.80 -1.69 18.13
C PRO A 265 -15.21 -2.10 16.77
N MET A 266 -15.45 -1.30 15.72
CA MET A 266 -15.08 -1.72 14.35
C MET A 266 -13.60 -2.03 14.16
N SER A 267 -13.31 -3.19 13.56
CA SER A 267 -11.95 -3.65 13.28
C SER A 267 -11.36 -3.03 12.00
N TYR A 268 -12.24 -2.56 11.14
CA TYR A 268 -11.89 -2.15 9.78
C TYR A 268 -12.99 -1.22 9.31
N VAL A 269 -12.60 -0.09 8.74
CA VAL A 269 -13.53 0.86 8.15
C VAL A 269 -12.92 1.39 6.86
N GLU A 270 -13.58 1.10 5.74
CA GLU A 270 -13.25 1.72 4.47
C GLU A 270 -14.53 2.29 3.91
N GLY A 271 -14.47 2.78 2.67
CA GLY A 271 -15.68 3.21 2.00
C GLY A 271 -15.46 3.20 0.51
N SER A 272 -16.53 3.35 -0.25
CA SER A 272 -16.42 3.43 -1.70
C SER A 272 -17.43 4.41 -2.29
N VAL A 273 -17.07 4.96 -3.44
CA VAL A 273 -17.95 5.85 -4.19
C VAL A 273 -18.39 5.14 -5.47
N PHE A 274 -19.69 5.25 -5.74
CA PHE A 274 -20.28 4.72 -6.98
C PHE A 274 -20.93 5.87 -7.76
N VAL A 275 -20.48 6.07 -8.99
CA VAL A 275 -21.10 7.07 -9.84
C VAL A 275 -22.37 6.50 -10.45
N ASN A 276 -23.37 7.35 -10.61
CA ASN A 276 -24.68 6.92 -11.07
C ASN A 276 -24.67 6.17 -12.40
N GLN A 277 -23.87 6.66 -13.35
CA GLN A 277 -23.88 6.12 -14.72
C GLN A 277 -23.70 4.61 -14.84
N SER A 278 -22.79 4.05 -14.05
CA SER A 278 -22.55 2.60 -14.05
C SER A 278 -22.91 1.93 -12.73
N LEU A 279 -23.87 2.52 -12.00
CA LEU A 279 -24.20 2.10 -10.65
C LEU A 279 -24.52 0.61 -10.51
N ALA A 280 -25.50 0.10 -11.27
CA ALA A 280 -25.92 -1.31 -11.19
C ALA A 280 -24.76 -2.30 -11.46
N THR A 281 -24.02 -2.06 -12.54
CA THR A 281 -22.85 -2.87 -12.93
C THR A 281 -21.74 -2.84 -11.87
N ASP A 282 -21.45 -1.67 -11.32
CA ASP A 282 -20.39 -1.55 -10.31
C ASP A 282 -20.78 -2.15 -8.97
N LEU A 283 -22.05 -2.00 -8.58
CA LEU A 283 -22.55 -2.64 -7.38
C LEU A 283 -22.46 -4.15 -7.52
N ALA A 284 -22.91 -4.66 -8.68
CA ALA A 284 -22.83 -6.09 -9.00
C ALA A 284 -21.39 -6.61 -8.98
N ASN A 285 -20.45 -5.78 -9.45
CA ASN A 285 -19.02 -6.14 -9.49
C ASN A 285 -18.24 -6.07 -8.15
N THR A 286 -18.88 -5.58 -7.08
CA THR A 286 -18.26 -5.59 -5.74
C THR A 286 -17.97 -7.00 -5.23
N GLY A 287 -18.77 -7.97 -5.68
CA GLY A 287 -18.74 -9.33 -5.15
C GLY A 287 -19.42 -9.43 -3.80
N PHE A 288 -20.01 -8.33 -3.33
CA PHE A 288 -20.61 -8.24 -2.00
C PHE A 288 -22.13 -8.26 -2.08
N PHE A 289 -22.68 -7.41 -2.96
CA PHE A 289 -24.13 -7.26 -3.08
C PHE A 289 -24.76 -8.35 -3.95
N THR A 290 -25.94 -8.83 -3.54
CA THR A 290 -26.76 -9.70 -4.38
C THR A 290 -27.50 -8.85 -5.39
N ASP A 291 -28.06 -9.48 -6.43
CA ASP A 291 -28.85 -8.78 -7.42
C ASP A 291 -30.09 -8.11 -6.79
N ALA A 292 -30.64 -8.74 -5.75
CA ALA A 292 -31.75 -8.12 -5.00
C ALA A 292 -31.32 -6.83 -4.29
N ASP A 293 -30.11 -6.85 -3.71
CA ASP A 293 -29.54 -5.67 -3.06
C ASP A 293 -29.33 -4.55 -4.08
N VAL A 294 -28.75 -4.93 -5.21
CA VAL A 294 -28.45 -4.00 -6.31
C VAL A 294 -29.70 -3.24 -6.75
N ALA A 295 -30.79 -3.98 -7.02
CA ALA A 295 -32.07 -3.40 -7.44
C ALA A 295 -32.61 -2.38 -6.45
N ARG A 296 -32.47 -2.66 -5.14
CA ARG A 296 -32.93 -1.74 -4.09
C ARG A 296 -32.12 -0.46 -4.07
N ILE A 297 -30.80 -0.58 -4.26
CA ILE A 297 -29.90 0.58 -4.22
C ILE A 297 -30.09 1.47 -5.46
N VAL A 298 -30.19 0.84 -6.64
CA VAL A 298 -30.52 1.57 -7.87
C VAL A 298 -31.82 2.37 -7.71
N ALA A 299 -32.84 1.73 -7.13
CA ALA A 299 -34.14 2.37 -6.86
C ALA A 299 -34.00 3.55 -5.91
N LEU A 300 -33.24 3.35 -4.83
CA LEU A 300 -32.94 4.41 -3.85
C LEU A 300 -32.31 5.65 -4.50
N ALA A 301 -31.27 5.43 -5.31
CA ALA A 301 -30.60 6.51 -6.07
C ALA A 301 -31.57 7.32 -6.92
N GLY A 302 -32.46 6.62 -7.62
CA GLY A 302 -33.48 7.26 -8.45
C GLY A 302 -34.45 8.10 -7.64
N GLU A 303 -34.87 7.59 -6.48
CA GLU A 303 -35.78 8.31 -5.59
C GLU A 303 -35.16 9.61 -5.07
N ARG A 304 -33.88 9.54 -4.72
CA ARG A 304 -33.18 10.68 -4.16
C ARG A 304 -32.61 11.59 -5.26
N ASN A 305 -32.69 11.14 -6.51
CA ASN A 305 -32.11 11.84 -7.66
C ASN A 305 -30.59 12.03 -7.47
N ALA A 306 -29.94 10.95 -7.04
CA ALA A 306 -28.52 10.99 -6.68
C ALA A 306 -27.59 10.71 -7.86
N THR A 307 -26.57 11.55 -8.02
CA THR A 307 -25.55 11.34 -9.06
C THR A 307 -24.39 10.47 -8.54
N THR A 308 -24.32 10.33 -7.22
CA THR A 308 -23.35 9.48 -6.55
C THR A 308 -24.02 8.71 -5.42
N VAL A 309 -23.50 7.51 -5.15
CA VAL A 309 -23.94 6.70 -4.02
C VAL A 309 -22.68 6.31 -3.24
N TYR A 310 -22.78 6.30 -1.92
CA TYR A 310 -21.64 6.02 -1.05
C TYR A 310 -21.90 4.78 -0.21
N SER A 311 -20.86 3.99 0.02
CA SER A 311 -20.98 2.81 0.87
C SER A 311 -19.84 2.77 1.87
N ILE A 312 -20.19 2.69 3.13
CA ILE A 312 -19.20 2.37 4.17
C ILE A 312 -19.04 0.85 4.19
N GLU A 313 -17.79 0.39 4.23
CA GLU A 313 -17.48 -1.02 4.39
C GLU A 313 -16.81 -1.18 5.75
N ALA A 314 -17.37 -2.00 6.63
CA ALA A 314 -16.79 -2.16 7.97
C ALA A 314 -16.81 -3.62 8.42
N THR A 315 -15.86 -4.00 9.27
CA THR A 315 -15.92 -5.32 9.90
C THR A 315 -15.81 -5.27 11.42
N LEU A 316 -16.25 -6.36 12.04
CA LEU A 316 -16.08 -6.62 13.47
C LEU A 316 -15.45 -8.02 13.58
N ASN A 317 -14.19 -8.07 13.99
CA ASN A 317 -13.47 -9.32 14.16
C ASN A 317 -13.91 -10.02 15.44
N TYR A 318 -14.14 -11.33 15.34
CA TYR A 318 -14.51 -12.14 16.51
C TYR A 318 -13.91 -13.55 16.42
N ASP A 319 -13.80 -14.23 17.56
CA ASP A 319 -13.20 -15.57 17.58
C ASP A 319 -14.22 -16.71 17.60
N ASN A 320 -13.73 -17.92 17.83
CA ASN A 320 -14.56 -19.14 17.80
C ASN A 320 -15.43 -19.40 19.03
N ALA A 321 -15.46 -18.46 19.98
CA ALA A 321 -16.24 -18.61 21.21
C ALA A 321 -17.71 -18.92 20.90
N THR A 322 -18.34 -19.70 21.79
CA THR A 322 -19.73 -20.13 21.60
C THR A 322 -20.73 -18.97 21.63
N ALA A 323 -20.43 -17.94 22.43
CA ALA A 323 -21.29 -16.77 22.55
C ALA A 323 -20.97 -15.67 21.53
N ALA A 324 -19.89 -15.86 20.79
CA ALA A 324 -19.32 -14.80 19.94
C ALA A 324 -20.32 -14.20 18.96
N ALA A 325 -21.05 -15.05 18.25
CA ALA A 325 -21.98 -14.63 17.20
C ALA A 325 -23.12 -13.73 17.70
N ALA A 326 -23.69 -14.06 18.85
CA ALA A 326 -24.77 -13.27 19.45
C ALA A 326 -24.27 -11.97 20.07
N ALA A 327 -23.08 -12.01 20.66
CA ALA A 327 -22.43 -10.80 21.18
C ALA A 327 -22.09 -9.83 20.04
N VAL A 328 -21.73 -10.39 18.89
CA VAL A 328 -21.45 -9.61 17.67
C VAL A 328 -22.72 -8.96 17.12
N ASP A 329 -23.81 -9.72 17.07
CA ASP A 329 -25.12 -9.20 16.65
C ASP A 329 -25.51 -7.97 17.47
N GLN A 330 -25.32 -8.06 18.78
CA GLN A 330 -25.73 -7.00 19.73
C GLN A 330 -24.81 -5.81 19.66
N GLU A 331 -23.51 -6.06 19.56
CA GLU A 331 -22.51 -4.99 19.40
C GLU A 331 -22.77 -4.24 18.08
N LEU A 332 -22.99 -5.00 17.01
CA LEU A 332 -23.29 -4.43 15.69
C LEU A 332 -24.56 -3.58 15.71
N ALA A 333 -25.65 -4.16 16.24
CA ALA A 333 -26.93 -3.46 16.38
C ALA A 333 -26.80 -2.10 17.08
N SER A 334 -25.99 -2.06 18.13
CA SER A 334 -25.76 -0.83 18.88
C SER A 334 -24.99 0.20 18.07
N VAL A 335 -23.91 -0.25 17.42
CA VAL A 335 -23.09 0.60 16.56
C VAL A 335 -23.94 1.25 15.47
N LEU A 336 -24.70 0.42 14.75
CA LEU A 336 -25.50 0.89 13.62
C LEU A 336 -26.59 1.89 14.04
N GLY A 337 -27.11 1.73 15.25
CA GLY A 337 -28.12 2.64 15.80
C GLY A 337 -27.61 4.05 16.04
N THR A 338 -26.29 4.23 16.04
CA THR A 338 -25.67 5.56 16.16
C THR A 338 -25.45 6.20 14.80
N LEU A 339 -25.72 5.43 13.74
CA LEU A 339 -25.43 5.85 12.37
C LEU A 339 -26.64 6.40 11.62
N SER A 340 -26.39 6.95 10.45
CA SER A 340 -27.39 7.68 9.68
C SER A 340 -27.48 7.25 8.20
N TYR A 341 -27.14 5.98 7.92
CA TYR A 341 -27.33 5.41 6.60
C TYR A 341 -28.83 5.37 6.29
N VAL A 342 -29.20 5.17 5.03
CA VAL A 342 -30.62 5.18 4.68
C VAL A 342 -31.30 4.00 5.40
N GLU A 343 -32.44 4.27 6.03
CA GLU A 343 -33.15 3.22 6.78
C GLU A 343 -33.29 1.92 5.97
N GLY A 344 -32.83 0.81 6.56
CA GLY A 344 -32.92 -0.49 5.92
C GLY A 344 -31.80 -0.83 4.93
N PHE A 345 -30.84 0.08 4.77
CA PHE A 345 -29.73 -0.17 3.84
C PHE A 345 -28.44 -0.58 4.54
N ALA A 346 -28.55 -1.58 5.42
CA ALA A 346 -27.39 -2.26 5.99
C ALA A 346 -27.36 -3.68 5.43
N PHE A 347 -26.20 -4.12 4.98
CA PHE A 347 -26.07 -5.42 4.29
C PHE A 347 -24.91 -6.20 4.93
N GLN A 348 -25.19 -7.39 5.44
CA GLN A 348 -24.20 -8.14 6.23
C GLN A 348 -23.75 -9.43 5.58
N ARG A 349 -22.47 -9.75 5.80
CA ARG A 349 -21.87 -11.04 5.45
CA ARG A 349 -21.91 -11.06 5.46
C ARG A 349 -21.06 -11.55 6.64
N ASP A 350 -20.72 -12.83 6.64
CA ASP A 350 -19.93 -13.41 7.72
C ASP A 350 -18.98 -14.48 7.17
N VAL A 351 -17.69 -14.19 7.25
CA VAL A 351 -16.67 -15.04 6.63
C VAL A 351 -15.54 -15.34 7.62
N ALA A 352 -14.69 -16.32 7.26
CA ALA A 352 -13.44 -16.57 7.97
C ALA A 352 -12.50 -15.38 7.79
N TYR A 353 -11.74 -15.07 8.83
CA TYR A 353 -10.84 -13.91 8.85
C TYR A 353 -9.81 -13.89 7.71
N ALA A 354 -9.25 -15.06 7.39
CA ALA A 354 -8.28 -15.16 6.30
C ALA A 354 -8.94 -14.93 4.93
N ALA A 355 -10.18 -15.40 4.80
CA ALA A 355 -10.97 -15.20 3.58
C ALA A 355 -11.25 -13.71 3.33
N PHE A 356 -11.54 -12.97 4.40
CA PHE A 356 -11.67 -11.52 4.30
C PHE A 356 -10.37 -10.84 3.89
N LEU A 357 -9.28 -11.17 4.58
CA LEU A 357 -8.01 -10.53 4.30
C LEU A 357 -7.52 -10.76 2.87
N ASP A 358 -7.81 -11.94 2.31
CA ASP A 358 -7.34 -12.31 0.97
C ASP A 358 -8.45 -12.11 -0.09
N ARG A 359 -9.44 -11.28 0.24
CA ARG A 359 -10.59 -11.01 -0.64
C ARG A 359 -10.22 -10.48 -2.04
N VAL A 360 -9.10 -9.75 -2.13
CA VAL A 360 -8.70 -9.14 -3.40
C VAL A 360 -7.97 -10.12 -4.33
N HIS A 361 -7.45 -11.22 -3.77
CA HIS A 361 -6.87 -12.29 -4.59
C HIS A 361 -7.86 -12.78 -5.65
N GLY A 362 -9.08 -13.06 -5.20
CA GLY A 362 -10.19 -13.48 -6.06
C GLY A 362 -10.51 -12.46 -7.15
N GLU A 363 -10.45 -11.18 -6.80
CA GLU A 363 -10.63 -10.11 -7.78
C GLU A 363 -9.56 -10.17 -8.88
N GLU A 364 -8.31 -10.44 -8.47
CA GLU A 364 -7.20 -10.57 -9.43
C GLU A 364 -7.38 -11.75 -10.40
N VAL A 365 -7.73 -12.91 -9.86
CA VAL A 365 -7.97 -14.12 -10.67
C VAL A 365 -9.05 -13.85 -11.73
N ALA A 366 -10.17 -13.27 -11.30
CA ALA A 366 -11.30 -12.97 -12.18
C ALA A 366 -10.89 -11.97 -13.28
N LEU A 367 -10.20 -10.91 -12.90
CA LEU A 367 -9.76 -9.88 -13.85
C LEU A 367 -8.73 -10.41 -14.85
N ASN A 368 -7.76 -11.20 -14.36
CA ASN A 368 -6.72 -11.74 -15.24
C ASN A 368 -7.26 -12.71 -16.30
N LYS A 369 -8.26 -13.50 -15.91
CA LYS A 369 -8.91 -14.44 -16.84
C LYS A 369 -9.72 -13.70 -17.91
N LEU A 370 -10.18 -12.49 -17.58
CA LEU A 370 -10.81 -11.60 -18.55
C LEU A 370 -9.78 -10.77 -19.32
N GLY A 371 -8.50 -10.97 -19.00
CA GLY A 371 -7.41 -10.18 -19.58
C GLY A 371 -7.43 -8.73 -19.12
N LEU A 372 -7.95 -8.50 -17.91
CA LEU A 372 -8.11 -7.13 -17.38
C LEU A 372 -7.28 -6.86 -16.13
N TRP A 373 -6.28 -7.72 -15.87
CA TRP A 373 -5.35 -7.48 -14.77
C TRP A 373 -4.03 -6.95 -15.28
N ARG A 374 -3.45 -7.61 -16.29
CA ARG A 374 -2.19 -7.20 -16.89
C ARG A 374 -2.44 -6.12 -17.96
N VAL A 375 -2.97 -4.99 -17.50
CA VAL A 375 -3.33 -3.83 -18.32
C VAL A 375 -2.76 -2.59 -17.63
N PRO A 376 -2.70 -1.44 -18.33
CA PRO A 376 -2.20 -0.23 -17.68
C PRO A 376 -3.04 0.19 -16.47
N HIS A 377 -2.37 0.63 -15.40
CA HIS A 377 -3.04 1.08 -14.18
C HIS A 377 -2.66 2.51 -13.82
N PRO A 378 -3.36 3.49 -14.41
CA PRO A 378 -3.12 4.90 -14.09
C PRO A 378 -3.86 5.27 -12.80
N TRP A 379 -3.47 4.62 -11.71
CA TRP A 379 -4.11 4.81 -10.42
C TRP A 379 -3.79 6.20 -9.85
N LEU A 380 -4.78 6.79 -9.17
CA LEU A 380 -4.59 8.03 -8.41
C LEU A 380 -4.80 7.77 -6.92
N ASN A 381 -3.75 7.90 -6.14
CA ASN A 381 -3.80 7.66 -4.69
C ASN A 381 -3.30 8.89 -3.95
N MET A 382 -4.10 9.36 -2.99
CA MET A 382 -3.75 10.57 -2.26
CA MET A 382 -3.90 10.65 -2.31
C MET A 382 -4.31 10.58 -0.84
N PHE A 383 -3.79 11.51 -0.03
CA PHE A 383 -4.29 11.75 1.32
C PHE A 383 -4.89 13.16 1.31
N VAL A 384 -6.17 13.28 1.67
CA VAL A 384 -6.91 14.56 1.61
C VAL A 384 -7.38 15.00 3.00
N PRO A 385 -7.03 16.24 3.41
CA PRO A 385 -7.43 16.74 4.73
C PRO A 385 -8.95 16.69 4.90
N ARG A 386 -9.41 16.26 6.07
CA ARG A 386 -10.84 16.18 6.38
C ARG A 386 -11.60 17.47 6.05
N SER A 387 -11.00 18.62 6.33
CA SER A 387 -11.67 19.91 6.14
C SER A 387 -12.04 20.18 4.69
N ARG A 388 -11.42 19.45 3.76
CA ARG A 388 -11.65 19.66 2.34
C ARG A 388 -12.23 18.44 1.61
N ILE A 389 -12.63 17.41 2.37
CA ILE A 389 -13.15 16.20 1.73
C ILE A 389 -14.50 16.45 1.01
N ALA A 390 -15.36 17.27 1.59
CA ALA A 390 -16.64 17.62 0.95
C ALA A 390 -16.38 18.41 -0.33
N ASP A 391 -15.38 19.29 -0.31
CA ASP A 391 -14.97 20.01 -1.51
C ASP A 391 -14.47 19.04 -2.59
N PHE A 392 -13.71 18.01 -2.16
CA PHE A 392 -13.17 17.02 -3.09
C PHE A 392 -14.31 16.20 -3.70
N ASP A 393 -15.27 15.81 -2.87
CA ASP A 393 -16.47 15.10 -3.33
C ASP A 393 -17.25 15.88 -4.39
N ARG A 394 -17.54 17.15 -4.12
CA ARG A 394 -18.21 18.01 -5.09
C ARG A 394 -17.42 18.17 -6.38
N GLY A 395 -16.11 18.38 -6.25
CA GLY A 395 -15.26 18.68 -7.39
C GLY A 395 -14.90 17.47 -8.23
N VAL A 396 -14.83 16.30 -7.59
CA VAL A 396 -14.34 15.08 -8.25
C VAL A 396 -15.46 14.06 -8.49
N PHE A 397 -16.06 13.55 -7.41
CA PHE A 397 -17.07 12.50 -7.53
C PHE A 397 -18.35 13.00 -8.17
N LYS A 398 -18.79 14.19 -7.73
CA LYS A 398 -19.95 14.86 -8.28
C LYS A 398 -19.61 15.77 -9.47
N GLY A 399 -18.31 15.87 -9.80
CA GLY A 399 -17.85 16.79 -10.83
C GLY A 399 -17.07 16.12 -11.96
N ILE A 400 -15.75 16.14 -11.85
CA ILE A 400 -14.85 15.63 -12.90
C ILE A 400 -15.24 14.23 -13.40
N LEU A 401 -15.57 13.32 -12.47
CA LEU A 401 -15.79 11.92 -12.83
C LEU A 401 -17.16 11.64 -13.47
N GLN A 402 -18.11 12.56 -13.33
CA GLN A 402 -19.44 12.39 -13.92
C GLN A 402 -19.36 12.37 -15.45
N GLY A 403 -20.12 11.49 -16.08
CA GLY A 403 -20.11 11.35 -17.54
C GLY A 403 -19.04 10.43 -18.11
N THR A 404 -18.21 9.85 -17.23
CA THR A 404 -17.16 8.92 -17.65
C THR A 404 -17.51 7.49 -17.25
N ASP A 405 -16.98 6.52 -17.99
CA ASP A 405 -17.13 5.11 -17.62
C ASP A 405 -15.94 4.72 -16.76
N ILE A 406 -16.22 4.33 -15.53
CA ILE A 406 -15.16 4.02 -14.58
C ILE A 406 -14.99 2.53 -14.42
N VAL A 407 -13.76 2.06 -14.59
CA VAL A 407 -13.42 0.67 -14.35
C VAL A 407 -12.40 0.61 -13.21
N GLY A 408 -12.78 -0.04 -12.12
CA GLY A 408 -11.94 -0.10 -10.92
C GLY A 408 -12.60 0.61 -9.75
N PRO A 409 -12.33 0.17 -8.52
CA PRO A 409 -12.97 0.79 -7.36
C PRO A 409 -12.51 2.22 -7.05
N LEU A 410 -13.40 3.00 -6.46
CA LEU A 410 -13.08 4.32 -5.93
C LEU A 410 -13.22 4.22 -4.42
N ILE A 411 -12.08 4.22 -3.72
CA ILE A 411 -12.03 3.93 -2.29
C ILE A 411 -11.74 5.24 -1.54
N VAL A 412 -12.50 5.49 -0.48
CA VAL A 412 -12.40 6.72 0.34
C VAL A 412 -12.61 6.35 1.80
N TYR A 413 -11.66 6.69 2.66
CA TYR A 413 -11.85 6.48 4.10
C TYR A 413 -10.92 7.33 4.95
N PRO A 414 -11.39 7.72 6.16
CA PRO A 414 -10.58 8.58 7.02
C PRO A 414 -9.46 7.84 7.78
N LEU A 415 -8.39 8.57 8.06
CA LEU A 415 -7.27 8.08 8.85
C LEU A 415 -7.00 9.04 10.00
N ASN A 416 -6.50 8.52 11.11
CA ASN A 416 -6.11 9.34 12.26
C ASN A 416 -4.61 9.58 12.26
N LYS A 417 -4.22 10.86 12.18
CA LYS A 417 -2.82 11.25 12.11
C LYS A 417 -2.03 10.85 13.36
N SER A 418 -2.73 10.75 14.49
CA SER A 418 -2.11 10.37 15.76
C SER A 418 -1.43 9.00 15.69
N MET A 419 -1.89 8.16 14.76
CA MET A 419 -1.33 6.82 14.58
C MET A 419 -0.19 6.78 13.55
N TRP A 420 0.18 7.94 13.03
CA TRP A 420 1.30 8.08 12.11
C TRP A 420 2.46 8.75 12.81
N ASP A 421 3.67 8.23 12.59
CA ASP A 421 4.89 8.79 13.15
C ASP A 421 5.53 9.72 12.12
N ASP A 422 5.42 11.03 12.36
CA ASP A 422 5.91 12.01 11.39
C ASP A 422 7.44 12.08 11.28
N GLY A 423 8.13 11.47 12.25
CA GLY A 423 9.59 11.33 12.17
C GLY A 423 10.04 10.31 11.15
N MET A 424 9.12 9.45 10.70
CA MET A 424 9.40 8.53 9.62
C MET A 424 9.36 9.25 8.28
N SER A 425 9.85 8.60 7.23
CA SER A 425 9.92 9.23 5.91
C SER A 425 8.56 9.52 5.28
N ALA A 426 7.58 8.65 5.54
CA ALA A 426 6.24 8.79 4.95
C ALA A 426 5.62 10.17 5.21
N ALA A 427 5.13 10.80 4.15
CA ALA A 427 4.53 12.14 4.19
C ALA A 427 3.00 12.09 4.33
N THR A 428 2.44 12.90 5.23
CA THR A 428 0.98 12.97 5.43
C THR A 428 0.51 14.43 5.58
N PRO A 429 -0.78 14.70 5.33
CA PRO A 429 -1.38 16.02 5.63
C PRO A 429 -1.25 16.40 7.11
N SER A 430 -1.32 17.68 7.39
CA SER A 430 -1.15 18.20 8.74
C SER A 430 -2.35 18.01 9.68
N GLU A 431 -3.56 17.86 9.12
CA GLU A 431 -4.79 17.79 9.93
C GLU A 431 -4.92 16.48 10.72
N ASP A 432 -5.61 16.54 11.86
CA ASP A 432 -5.78 15.38 12.74
C ASP A 432 -6.46 14.20 12.03
N VAL A 433 -7.40 14.52 11.14
CA VAL A 433 -8.08 13.50 10.33
C VAL A 433 -7.81 13.79 8.85
N PHE A 434 -7.42 12.76 8.10
CA PHE A 434 -7.29 12.90 6.65
C PHE A 434 -7.77 11.62 5.95
N TYR A 435 -8.17 11.74 4.70
CA TYR A 435 -8.76 10.63 3.97
C TYR A 435 -7.77 9.98 3.02
N ALA A 436 -7.72 8.65 3.03
CA ALA A 436 -7.13 7.91 1.93
C ALA A 436 -8.16 7.95 0.81
N VAL A 437 -7.73 8.44 -0.34
CA VAL A 437 -8.55 8.46 -1.53
C VAL A 437 -7.75 7.68 -2.58
N SER A 438 -8.31 6.55 -2.98
CA SER A 438 -7.66 5.67 -3.96
C SER A 438 -8.57 5.40 -5.14
N LEU A 439 -8.26 6.02 -6.28
CA LEU A 439 -9.09 5.90 -7.47
C LEU A 439 -8.37 4.96 -8.42
N LEU A 440 -8.82 3.70 -8.43
CA LEU A 440 -8.03 2.62 -9.03
C LEU A 440 -8.46 2.37 -10.47
N PHE A 441 -8.17 3.34 -11.33
CA PHE A 441 -8.58 3.28 -12.74
C PHE A 441 -7.78 2.21 -13.49
N SER A 442 -8.50 1.35 -14.21
CA SER A 442 -7.90 0.38 -15.13
C SER A 442 -8.17 0.82 -16.55
N SER A 443 -7.13 0.81 -17.37
CA SER A 443 -7.25 1.26 -18.76
C SER A 443 -7.71 0.14 -19.67
N VAL A 444 -8.76 0.41 -20.45
CA VAL A 444 -9.13 -0.44 -21.59
C VAL A 444 -8.39 0.04 -22.84
N ALA A 445 -7.05 -0.08 -22.79
CA ALA A 445 -6.15 0.20 -23.92
C ALA A 445 -6.23 1.66 -24.45
N PRO A 446 -5.70 1.92 -25.66
CA PRO A 446 -6.04 3.20 -26.30
C PRO A 446 -7.54 3.24 -26.60
N ASN A 447 -8.15 4.42 -26.63
CA ASN A 447 -7.52 5.69 -26.25
C ASN A 447 -7.75 6.03 -24.77
N ASP A 448 -8.03 4.98 -23.99
CA ASP A 448 -8.46 5.11 -22.61
C ASP A 448 -7.32 5.52 -21.68
N LEU A 449 -6.11 5.01 -21.92
CA LEU A 449 -4.96 5.36 -21.07
C LEU A 449 -4.63 6.85 -21.06
N ALA A 450 -4.45 7.45 -22.23
CA ALA A 450 -4.16 8.88 -22.32
C ALA A 450 -5.24 9.75 -21.66
N ARG A 451 -6.51 9.37 -21.84
CA ARG A 451 -7.64 10.07 -21.20
C ARG A 451 -7.57 9.98 -19.68
N LEU A 452 -7.18 8.81 -19.18
CA LEU A 452 -7.08 8.59 -17.74
C LEU A 452 -5.91 9.36 -17.11
N GLN A 453 -4.77 9.36 -17.79
CA GLN A 453 -3.61 10.13 -17.35
C GLN A 453 -3.96 11.63 -17.31
N GLU A 454 -4.69 12.10 -18.32
CA GLU A 454 -5.11 13.51 -18.36
C GLU A 454 -6.11 13.86 -17.24
N GLN A 455 -7.04 12.95 -16.98
CA GLN A 455 -8.03 13.14 -15.92
C GLN A 455 -7.40 13.22 -14.53
N ASN A 456 -6.40 12.37 -14.27
CA ASN A 456 -5.63 12.45 -13.03
C ASN A 456 -4.92 13.80 -12.89
N ARG A 457 -4.35 14.29 -13.97
CA ARG A 457 -3.79 15.64 -13.98
C ARG A 457 -4.83 16.69 -13.61
N ARG A 458 -6.04 16.58 -14.18
CA ARG A 458 -7.11 17.53 -13.93
CA ARG A 458 -7.11 17.53 -13.93
C ARG A 458 -7.59 17.52 -12.48
N ILE A 459 -7.65 16.32 -11.89
CA ILE A 459 -8.04 16.16 -10.48
C ILE A 459 -7.02 16.84 -9.58
N LEU A 460 -5.73 16.59 -9.84
CA LEU A 460 -4.68 17.26 -9.09
C LEU A 460 -4.72 18.78 -9.29
N ARG A 461 -4.94 19.20 -10.53
CA ARG A 461 -5.12 20.63 -10.86
C ARG A 461 -6.26 21.26 -10.06
N PHE A 462 -7.42 20.60 -10.06
CA PHE A 462 -8.58 21.07 -9.28
C PHE A 462 -8.21 21.29 -7.81
N CYS A 463 -7.47 20.34 -7.24
CA CYS A 463 -7.09 20.37 -5.83
C CYS A 463 -6.11 21.53 -5.54
N ASP A 464 -5.10 21.67 -6.41
CA ASP A 464 -4.13 22.77 -6.29
C ASP A 464 -4.82 24.13 -6.28
N LEU A 465 -5.70 24.34 -7.26
CA LEU A 465 -6.42 25.62 -7.40
C LEU A 465 -7.41 25.89 -6.25
N ALA A 466 -7.95 24.84 -5.65
CA ALA A 466 -8.88 24.99 -4.51
C ALA A 466 -8.15 25.16 -3.18
N GLY A 467 -6.83 25.06 -3.21
CA GLY A 467 -6.01 25.16 -2.01
C GLY A 467 -6.08 23.96 -1.09
N ILE A 468 -6.37 22.79 -1.67
CA ILE A 468 -6.41 21.55 -0.89
C ILE A 468 -5.00 21.00 -0.69
N GLN A 469 -4.58 20.93 0.57
CA GLN A 469 -3.22 20.54 0.94
C GLN A 469 -3.09 19.02 1.05
N TYR A 470 -3.21 18.34 -0.09
CA TYR A 470 -3.13 16.87 -0.15
C TYR A 470 -1.68 16.40 -0.17
N LYS A 471 -1.49 15.09 0.06
CA LYS A 471 -0.21 14.42 -0.23
C LYS A 471 -0.51 13.27 -1.19
N THR A 472 0.36 13.01 -2.17
CA THR A 472 0.22 11.79 -2.95
C THR A 472 0.70 10.57 -2.16
N TYR A 473 0.29 9.39 -2.60
CA TYR A 473 0.78 8.14 -2.04
C TYR A 473 0.97 7.18 -3.23
N LEU A 474 2.10 6.47 -3.24
CA LEU A 474 2.42 5.46 -4.29
C LEU A 474 2.82 6.08 -5.64
N ALA A 475 2.96 7.39 -5.65
CA ALA A 475 3.34 8.14 -6.84
C ALA A 475 4.78 8.58 -6.71
N ARG A 476 5.47 8.67 -7.84
CA ARG A 476 6.80 9.24 -7.86
C ARG A 476 6.78 10.54 -8.67
N HIS A 477 7.36 11.59 -8.10
CA HIS A 477 7.43 12.87 -8.77
C HIS A 477 8.68 12.95 -9.64
N THR A 478 8.63 13.80 -10.67
CA THR A 478 9.75 13.93 -11.60
C THR A 478 10.39 15.31 -11.54
N ASP A 479 9.94 16.12 -10.59
CA ASP A 479 10.53 17.42 -10.35
C ASP A 479 10.92 17.53 -8.88
N ARG A 480 12.12 18.07 -8.65
CA ARG A 480 12.66 18.33 -7.31
C ARG A 480 11.72 19.17 -6.43
N SER A 481 11.14 20.24 -7.01
CA SER A 481 10.20 21.09 -6.27
C SER A 481 8.98 20.31 -5.78
N ASP A 482 8.53 19.34 -6.58
CA ASP A 482 7.40 18.47 -6.22
C ASP A 482 7.72 17.53 -5.05
N TRP A 483 8.93 16.97 -5.03
CA TRP A 483 9.36 16.12 -3.92
C TRP A 483 9.57 16.93 -2.64
N VAL A 484 10.12 18.14 -2.77
CA VAL A 484 10.31 19.06 -1.64
C VAL A 484 8.95 19.39 -1.01
N ARG A 485 7.98 19.74 -1.86
CA ARG A 485 6.60 20.01 -1.41
C ARG A 485 5.93 18.77 -0.81
N HIS A 486 6.23 17.60 -1.38
CA HIS A 486 5.69 16.32 -0.92
C HIS A 486 6.03 16.09 0.56
N PHE A 487 7.32 16.12 0.89
CA PHE A 487 7.76 15.90 2.26
C PHE A 487 7.50 17.11 3.17
N GLY A 488 7.55 18.32 2.59
CA GLY A 488 7.65 19.57 3.34
C GLY A 488 9.12 19.93 3.44
N ALA A 489 9.46 21.21 3.33
CA ALA A 489 10.86 21.65 3.22
C ALA A 489 11.77 21.18 4.36
N ALA A 490 11.29 21.29 5.59
CA ALA A 490 12.08 20.87 6.76
C ALA A 490 12.26 19.34 6.80
N LYS A 491 11.18 18.61 6.49
CA LYS A 491 11.22 17.15 6.43
C LYS A 491 12.03 16.65 5.23
N TRP A 492 12.08 17.45 4.17
CA TRP A 492 12.92 17.15 3.00
C TRP A 492 14.40 17.16 3.35
N ASN A 493 14.85 18.20 4.07
CA ASN A 493 16.24 18.33 4.50
C ASN A 493 16.67 17.16 5.38
N ARG A 494 15.73 16.64 6.15
CA ARG A 494 15.92 15.45 6.97
C ARG A 494 16.17 14.24 6.07
N PHE A 495 15.33 14.08 5.05
CA PHE A 495 15.42 13.00 4.06
C PHE A 495 16.78 12.98 3.37
N VAL A 496 17.26 14.17 2.98
CA VAL A 496 18.54 14.36 2.31
C VAL A 496 19.71 14.02 3.25
N GLU A 497 19.64 14.50 4.49
CA GLU A 497 20.64 14.14 5.49
C GLU A 497 20.86 12.63 5.56
N MET A 498 19.76 11.89 5.61
CA MET A 498 19.80 10.42 5.75
CA MET A 498 19.80 10.43 5.74
C MET A 498 20.24 9.74 4.46
N LYS A 499 20.00 10.40 3.33
CA LYS A 499 20.43 9.89 2.04
C LYS A 499 21.95 9.96 1.97
N ASN A 500 22.50 11.06 2.47
CA ASN A 500 23.94 11.29 2.51
C ASN A 500 24.70 10.28 3.34
N LYS A 501 24.14 9.89 4.48
CA LYS A 501 24.77 8.94 5.40
CA LYS A 501 24.84 8.94 5.35
C LYS A 501 24.65 7.48 4.93
N TYR A 502 23.52 7.17 4.28
CA TYR A 502 23.21 5.77 3.94
C TYR A 502 23.34 5.38 2.46
N ASP A 503 23.27 6.36 1.57
CA ASP A 503 23.47 6.12 0.13
C ASP A 503 24.20 7.30 -0.52
N PRO A 504 25.47 7.55 -0.11
CA PRO A 504 26.20 8.71 -0.62
C PRO A 504 26.40 8.69 -2.14
N LYS A 505 26.45 7.50 -2.72
CA LYS A 505 26.65 7.36 -4.17
C LYS A 505 25.35 7.49 -4.97
N ARG A 506 24.23 7.59 -4.26
CA ARG A 506 22.90 7.77 -4.86
CA ARG A 506 22.89 7.76 -4.85
C ARG A 506 22.60 6.73 -5.94
N LEU A 507 22.74 5.46 -5.57
CA LEU A 507 22.53 4.35 -6.50
C LEU A 507 21.20 3.65 -6.28
N LEU A 508 20.65 3.79 -5.07
CA LEU A 508 19.53 2.95 -4.64
C LEU A 508 18.15 3.45 -5.05
N SER A 509 17.34 2.51 -5.54
CA SER A 509 15.97 2.75 -6.01
C SER A 509 15.82 4.03 -6.85
N PRO A 510 16.56 4.11 -7.98
CA PRO A 510 16.63 5.31 -8.80
C PRO A 510 15.29 5.64 -9.46
N GLY A 511 14.43 4.65 -9.55
CA GLY A 511 13.11 4.78 -10.18
C GLY A 511 12.11 5.64 -9.40
N GLN A 512 12.48 6.06 -8.19
CA GLN A 512 11.69 7.03 -7.42
C GLN A 512 11.90 8.45 -7.96
N ASP A 513 13.00 8.65 -8.67
CA ASP A 513 13.35 9.93 -9.31
C ASP A 513 13.49 11.05 -8.27
N ILE A 514 14.01 10.71 -7.10
CA ILE A 514 14.26 11.71 -6.06
C ILE A 514 15.66 12.27 -6.22
N PHE A 515 16.63 11.35 -6.27
CA PHE A 515 18.04 11.73 -6.39
C PHE A 515 18.62 11.27 -7.72
N ASN A 516 17.76 10.70 -8.56
CA ASN A 516 18.14 10.19 -9.88
C ASN A 516 17.22 10.67 -10.99
#